data_9L5Z
#
_entry.id   9L5Z
#
_cell.length_a   38.063
_cell.length_b   52.867
_cell.length_c   53.340
_cell.angle_alpha   90.00
_cell.angle_beta   94.89
_cell.angle_gamma   90.00
#
_symmetry.space_group_name_H-M   'P 1 21 1'
#
loop_
_entity.id
_entity.type
_entity.pdbx_description
1 polymer (TPN)(GPN)(APN)(APN)(CPN)(TPN)(GPN)(CPN)(LYN)
2 polymer (APN)(CPN)(TPN)(TPN)(GPN)(APN)(CPN)(GPN)(LYN)
3 water water
#
loop_
_entity_poly.entity_id
_entity_poly.type
_entity_poly.pdbx_seq_one_letter_code
_entity_poly.pdbx_strand_id
1 'polypeptide(L)' (TPN)(GPN)(APN)(APN)(CPN)(TPN)(GPN)(CPN)(LYN) A,C,E,G
2 'polypeptide(L)' (APN)(CPN)(TPN)(TPN)(GPN)(APN)(CPN)(GPN)(LYN) B,D,F,H
#